data_8I67
#
_entry.id   8I67
#
_cell.length_a   39.280
_cell.length_b   63.410
_cell.length_c   45.440
_cell.angle_alpha   90.00
_cell.angle_beta   112.80
_cell.angle_gamma   90.00
#
_symmetry.space_group_name_H-M   'P 1 21 1'
#
loop_
_entity.id
_entity.type
_entity.pdbx_description
1 polymer 'Uracil-DNA glycosylase'
2 non-polymer 1,3-thiazolidine-2,4-dione
3 non-polymer 1,2-ETHANEDIOL
4 water water
#
_entity_poly.entity_id   1
_entity_poly.type   'polypeptide(L)'
_entity_poly.pdbx_seq_one_letter_code
;MHHHHHHGMASMTARPLSELVERGWAAALEPVADQVAHMGQFLRAEIAAGRRYLPAGSNVLRAFTFPFDNVRVLIVGQDP
YPTPGHAVGLSFSVAPDVRPWPRSLANIFDEYTADLGYPLPSNGDLTPWAQRGVLLLNRVLTVRPSNPASHRGKGWEAVT
ECAIRALAARAAPLVAILWGRDASTLKPMLAAGNCVAIESPHPSPLSASRGFFGSRPFSRANELLVGMGAEPIDWRLP
;
_entity_poly.pdbx_strand_id   A
#
loop_
_chem_comp.id
_chem_comp.type
_chem_comp.name
_chem_comp.formula
EDO non-polymer 1,2-ETHANEDIOL 'C2 H6 O2'
OD3 non-polymer 1,3-thiazolidine-2,4-dione 'C3 H3 N O2 S'
#
# COMPACT_ATOMS: atom_id res chain seq x y z
N SER A 11 9.89 14.67 9.76
CA SER A 11 10.72 15.25 8.69
C SER A 11 9.85 15.75 7.53
N MET A 12 8.61 15.26 7.36
CA MET A 12 7.75 15.67 6.21
C MET A 12 7.15 17.06 6.46
N THR A 13 7.14 17.52 7.71
CA THR A 13 6.83 18.94 8.06
C THR A 13 7.95 19.83 7.52
N ALA A 14 9.21 19.37 7.60
CA ALA A 14 10.44 20.20 7.48
C ALA A 14 11.13 20.10 6.10
N ARG A 15 11.06 18.95 5.42
CA ARG A 15 11.85 18.70 4.21
C ARG A 15 10.91 18.51 3.03
N PRO A 16 11.36 18.93 1.82
CA PRO A 16 10.53 18.89 0.63
C PRO A 16 10.45 17.47 0.06
N LEU A 17 9.44 17.25 -0.78
CA LEU A 17 9.23 15.94 -1.46
C LEU A 17 10.50 15.52 -2.18
N SER A 18 11.22 16.45 -2.83
CA SER A 18 12.50 16.19 -3.54
C SER A 18 13.50 15.46 -2.61
N GLU A 19 13.39 15.66 -1.31
CA GLU A 19 14.25 15.00 -0.30
C GLU A 19 13.60 13.72 0.26
N LEU A 20 12.28 13.68 0.41
CA LEU A 20 11.55 12.60 1.15
C LEU A 20 11.40 11.36 0.28
N VAL A 21 11.11 11.55 -1.01
CA VAL A 21 10.66 10.44 -1.88
C VAL A 21 11.49 10.41 -3.16
N GLU A 22 11.29 9.35 -3.93
CA GLU A 22 12.01 9.14 -5.20
C GLU A 22 11.61 10.23 -6.21
N ARG A 23 12.51 10.49 -7.16
CA ARG A 23 12.41 11.64 -8.07
C ARG A 23 11.06 11.63 -8.79
N GLY A 24 10.69 10.49 -9.35
CA GLY A 24 9.41 10.34 -10.07
C GLY A 24 8.22 10.63 -9.17
N TRP A 25 8.25 10.07 -7.96
CA TRP A 25 7.19 10.32 -6.96
C TRP A 25 7.16 11.80 -6.55
N ALA A 26 8.28 12.52 -6.53
CA ALA A 26 8.29 13.90 -6.01
C ALA A 26 7.48 14.77 -6.97
N ALA A 27 7.66 14.53 -8.27
CA ALA A 27 6.93 15.22 -9.34
C ALA A 27 5.46 14.79 -9.30
N ALA A 28 5.18 13.50 -9.11
CA ALA A 28 3.80 12.94 -9.10
C ALA A 28 2.99 13.53 -7.95
N LEU A 29 3.61 13.81 -6.79
CA LEU A 29 2.91 14.30 -5.58
C LEU A 29 2.99 15.84 -5.46
N GLU A 30 3.46 16.54 -6.48
CA GLU A 30 3.56 18.03 -6.42
C GLU A 30 2.21 18.64 -6.01
N PRO A 31 1.06 18.20 -6.54
CA PRO A 31 -0.21 18.82 -6.17
C PRO A 31 -0.56 18.68 -4.68
N VAL A 32 0.05 17.73 -3.97
CA VAL A 32 -0.21 17.54 -2.50
C VAL A 32 1.04 17.86 -1.66
N ALA A 33 1.98 18.63 -2.17
CA ALA A 33 3.18 19.08 -1.42
C ALA A 33 2.77 19.75 -0.12
N ASP A 34 1.82 20.68 -0.15
CA ASP A 34 1.36 21.43 1.04
C ASP A 34 0.63 20.45 1.99
N GLN A 35 -0.18 19.54 1.45
CA GLN A 35 -0.95 18.53 2.22
C GLN A 35 0.00 17.61 2.97
N VAL A 36 1.10 17.21 2.34
CA VAL A 36 2.10 16.32 2.98
C VAL A 36 2.73 17.08 4.17
N ALA A 37 3.10 18.36 4.00
CA ALA A 37 3.68 19.19 5.07
C ALA A 37 2.68 19.28 6.23
N HIS A 38 1.41 19.41 5.89
CA HIS A 38 0.28 19.51 6.84
C HIS A 38 0.21 18.22 7.64
N MET A 39 0.34 17.07 6.97
CA MET A 39 0.31 15.78 7.70
C MET A 39 1.49 15.73 8.68
N GLY A 40 2.65 16.28 8.30
CA GLY A 40 3.81 16.42 9.21
C GLY A 40 3.42 17.17 10.48
N GLN A 41 2.67 18.26 10.33
CA GLN A 41 2.21 19.09 11.48
CA GLN A 41 2.20 19.10 11.47
C GLN A 41 1.17 18.33 12.30
N PHE A 42 0.32 17.55 11.63
CA PHE A 42 -0.70 16.72 12.31
C PHE A 42 0.02 15.74 13.24
N LEU A 43 1.06 15.04 12.76
CA LEU A 43 1.76 14.02 13.59
C LEU A 43 2.54 14.69 14.72
N ARG A 44 3.11 15.86 14.44
CA ARG A 44 3.80 16.69 15.47
C ARG A 44 2.79 17.01 16.58
N ALA A 45 1.56 17.36 16.23
CA ALA A 45 0.52 17.68 17.23
C ALA A 45 0.12 16.46 18.05
N GLU A 46 0.10 15.27 17.45
CA GLU A 46 -0.24 14.01 18.16
C GLU A 46 0.83 13.73 19.22
N ILE A 47 2.12 13.86 18.86
CA ILE A 47 3.26 13.68 19.80
C ILE A 47 3.16 14.75 20.90
N ALA A 48 2.97 16.02 20.55
CA ALA A 48 2.81 17.12 21.52
C ALA A 48 1.74 16.75 22.55
N ALA A 49 0.66 16.05 22.13
CA ALA A 49 -0.52 15.74 22.97
C ALA A 49 -0.34 14.42 23.72
N GLY A 50 0.72 13.67 23.43
CA GLY A 50 1.06 12.42 24.14
C GLY A 50 0.38 11.22 23.53
N ARG A 51 -0.09 11.32 22.28
CA ARG A 51 -0.57 10.16 21.48
C ARG A 51 0.54 9.75 20.54
N ARG A 52 0.49 8.50 20.12
CA ARG A 52 1.58 7.85 19.35
C ARG A 52 1.09 7.63 17.93
N TYR A 53 2.00 7.42 16.99
CA TYR A 53 1.66 6.93 15.64
C TYR A 53 2.65 5.86 15.15
N LEU A 54 2.17 5.08 14.18
CA LEU A 54 2.89 4.01 13.48
C LEU A 54 2.58 4.21 12.01
N PRO A 55 3.50 3.83 11.09
CA PRO A 55 4.84 3.33 11.44
C PRO A 55 5.72 4.49 11.94
N ALA A 56 7.02 4.22 12.16
CA ALA A 56 8.02 5.25 12.51
C ALA A 56 8.02 6.36 11.42
N GLY A 57 8.27 7.60 11.80
CA GLY A 57 8.15 8.78 10.93
C GLY A 57 8.91 8.57 9.62
N SER A 58 10.12 8.02 9.70
CA SER A 58 10.99 7.92 8.51
C SER A 58 10.48 6.82 7.58
N ASN A 59 9.48 6.02 8.00
CA ASN A 59 8.89 4.93 7.18
C ASN A 59 7.52 5.32 6.59
N VAL A 60 6.97 6.46 6.97
CA VAL A 60 5.56 6.82 6.60
C VAL A 60 5.42 6.88 5.08
N LEU A 61 6.40 7.44 4.37
CA LEU A 61 6.29 7.62 2.89
C LEU A 61 7.13 6.55 2.18
N ARG A 62 7.46 5.44 2.83
CA ARG A 62 8.43 4.47 2.25
C ARG A 62 7.95 3.93 0.90
N ALA A 63 6.64 3.75 0.71
CA ALA A 63 6.08 3.16 -0.53
C ALA A 63 6.49 3.98 -1.74
N PHE A 64 6.67 5.29 -1.55
CA PHE A 64 7.05 6.24 -2.62
C PHE A 64 8.57 6.39 -2.73
N THR A 65 9.36 5.49 -2.11
CA THR A 65 10.85 5.54 -2.23
C THR A 65 11.38 4.53 -3.25
N PHE A 66 10.49 3.77 -3.86
CA PHE A 66 10.74 2.92 -5.05
C PHE A 66 10.28 3.71 -6.27
N PRO A 67 10.87 3.49 -7.46
CA PRO A 67 10.58 4.33 -8.63
C PRO A 67 9.11 4.30 -9.12
N PHE A 68 8.52 5.50 -9.19
CA PHE A 68 7.19 5.80 -9.75
C PHE A 68 7.10 5.23 -11.17
N ASP A 69 8.18 5.37 -11.93
CA ASP A 69 8.20 5.01 -13.38
C ASP A 69 8.10 3.49 -13.51
N ASN A 70 8.43 2.73 -12.47
CA ASN A 70 8.55 1.24 -12.58
C ASN A 70 7.29 0.57 -12.09
N VAL A 71 6.36 1.29 -11.46
CA VAL A 71 5.10 0.67 -10.94
C VAL A 71 4.29 0.08 -12.10
N ARG A 72 3.93 -1.21 -11.97
CA ARG A 72 3.03 -1.95 -12.89
C ARG A 72 1.75 -2.39 -12.16
N VAL A 73 1.86 -2.68 -10.86
CA VAL A 73 0.72 -3.11 -10.02
C VAL A 73 0.76 -2.28 -8.75
N LEU A 74 -0.41 -1.84 -8.24
CA LEU A 74 -0.46 -1.37 -6.85
C LEU A 74 -1.39 -2.29 -6.09
N ILE A 75 -1.00 -2.58 -4.86
CA ILE A 75 -1.85 -3.23 -3.83
C ILE A 75 -2.21 -2.12 -2.86
N VAL A 76 -3.49 -1.94 -2.56
CA VAL A 76 -3.97 -0.91 -1.58
C VAL A 76 -4.72 -1.58 -0.44
N GLY A 77 -4.26 -1.33 0.79
CA GLY A 77 -4.97 -1.68 2.03
C GLY A 77 -5.60 -0.43 2.64
N GLN A 78 -5.94 -0.55 3.91
CA GLN A 78 -6.75 0.45 4.63
C GLN A 78 -5.82 1.46 5.32
N ASP A 79 -5.03 0.96 6.24
CA ASP A 79 -4.12 1.73 7.12
C ASP A 79 -3.07 0.78 7.70
N PRO A 80 -2.02 1.32 8.34
CA PRO A 80 -0.90 0.49 8.79
C PRO A 80 -1.31 -0.48 9.91
N TYR A 81 -0.55 -1.54 10.12
CA TYR A 81 -0.77 -2.48 11.27
C TYR A 81 -0.84 -1.71 12.56
N PRO A 82 -1.82 -2.02 13.46
CA PRO A 82 -1.98 -1.30 14.73
C PRO A 82 -1.04 -1.70 15.86
N THR A 83 -0.32 -2.82 15.73
CA THR A 83 0.52 -3.36 16.82
C THR A 83 1.93 -2.83 16.68
N PRO A 84 2.49 -2.17 17.72
CA PRO A 84 3.90 -1.75 17.68
C PRO A 84 4.82 -2.89 17.25
N GLY A 85 5.74 -2.61 16.35
CA GLY A 85 6.70 -3.61 15.84
C GLY A 85 6.29 -4.23 14.52
N HIS A 86 5.09 -3.93 13.98
CA HIS A 86 4.60 -4.55 12.72
C HIS A 86 4.81 -3.62 11.52
N ALA A 87 4.18 -2.47 11.50
CA ALA A 87 4.16 -1.58 10.31
C ALA A 87 5.57 -1.07 9.99
N VAL A 88 5.91 -1.08 8.71
CA VAL A 88 7.22 -0.57 8.20
C VAL A 88 7.03 0.35 6.99
N GLY A 89 5.82 0.87 6.74
CA GLY A 89 5.61 1.82 5.62
C GLY A 89 5.36 1.16 4.27
N LEU A 90 5.32 -0.17 4.17
CA LEU A 90 4.93 -0.92 2.94
C LEU A 90 3.68 -1.74 3.29
N SER A 91 2.54 -1.50 2.63
CA SER A 91 1.25 -2.15 3.00
C SER A 91 1.46 -3.65 3.24
N PHE A 92 1.07 -4.14 4.41
CA PHE A 92 1.04 -5.57 4.86
C PHE A 92 2.43 -6.16 5.13
N SER A 93 3.52 -5.48 4.74
CA SER A 93 4.89 -5.97 4.98
C SER A 93 5.26 -5.91 6.47
N VAL A 94 6.08 -6.86 6.94
CA VAL A 94 6.74 -6.80 8.26
C VAL A 94 8.24 -7.03 8.09
N ALA A 95 9.03 -6.61 9.08
CA ALA A 95 10.50 -6.80 9.04
C ALA A 95 10.78 -8.29 8.98
N PRO A 96 11.88 -8.66 8.29
CA PRO A 96 12.29 -10.07 8.14
C PRO A 96 12.35 -10.89 9.44
N ASP A 97 12.55 -10.27 10.62
CA ASP A 97 12.65 -11.03 11.90
C ASP A 97 11.31 -11.10 12.64
N VAL A 98 10.21 -10.63 12.05
CA VAL A 98 8.89 -10.64 12.75
C VAL A 98 8.27 -12.02 12.62
N ARG A 99 7.88 -12.58 13.78
CA ARG A 99 7.08 -13.83 13.88
C ARG A 99 6.38 -13.80 15.23
N PRO A 100 5.15 -14.30 15.36
CA PRO A 100 4.41 -14.85 14.22
C PRO A 100 3.96 -13.73 13.26
N TRP A 101 3.58 -14.11 12.05
CA TRP A 101 3.04 -13.15 11.05
C TRP A 101 1.74 -12.55 11.59
N PRO A 102 1.40 -11.27 11.32
CA PRO A 102 0.07 -10.76 11.64
C PRO A 102 -0.99 -11.57 10.86
N ARG A 103 -2.18 -11.75 11.41
CA ARG A 103 -3.20 -12.68 10.84
C ARG A 103 -3.60 -12.29 9.42
N SER A 104 -3.70 -11.01 9.06
CA SER A 104 -4.00 -10.57 7.66
CA SER A 104 -4.02 -10.59 7.66
C SER A 104 -2.90 -11.07 6.72
N LEU A 105 -1.64 -11.02 7.14
CA LEU A 105 -0.55 -11.46 6.26
C LEU A 105 -0.56 -12.99 6.14
N ALA A 106 -0.85 -13.70 7.24
CA ALA A 106 -1.02 -15.17 7.18
C ALA A 106 -2.11 -15.51 6.14
N ASN A 107 -3.18 -14.71 6.09
CA ASN A 107 -4.30 -14.89 5.13
C ASN A 107 -3.82 -14.59 3.70
N ILE A 108 -3.08 -13.49 3.51
CA ILE A 108 -2.48 -13.17 2.19
C ILE A 108 -1.65 -14.36 1.75
N PHE A 109 -0.80 -14.93 2.62
CA PHE A 109 0.15 -15.99 2.20
C PHE A 109 -0.64 -17.28 1.90
N ASP A 110 -1.72 -17.53 2.63
CA ASP A 110 -2.62 -18.66 2.30
C ASP A 110 -3.16 -18.52 0.87
N GLU A 111 -3.68 -17.34 0.52
CA GLU A 111 -4.23 -17.11 -0.83
C GLU A 111 -3.11 -17.22 -1.87
N TYR A 112 -1.94 -16.65 -1.56
CA TYR A 112 -0.70 -16.68 -2.37
C TYR A 112 -0.33 -18.12 -2.70
N THR A 113 -0.34 -19.03 -1.73
CA THR A 113 0.04 -20.45 -2.03
C THR A 113 -1.09 -21.11 -2.83
N ALA A 114 -2.37 -20.89 -2.45
CA ALA A 114 -3.55 -21.45 -3.15
C ALA A 114 -3.54 -21.00 -4.62
N ASP A 115 -3.35 -19.71 -4.88
CA ASP A 115 -3.37 -19.08 -6.24
C ASP A 115 -2.18 -19.57 -7.08
N LEU A 116 -0.96 -19.51 -6.56
CA LEU A 116 0.24 -19.58 -7.45
C LEU A 116 0.94 -20.95 -7.33
N GLY A 117 0.68 -21.72 -6.28
CA GLY A 117 1.29 -23.04 -6.09
C GLY A 117 2.59 -22.97 -5.29
N TYR A 118 3.12 -21.77 -5.02
CA TYR A 118 4.41 -21.57 -4.32
C TYR A 118 4.31 -22.06 -2.87
N PRO A 119 5.44 -22.44 -2.22
CA PRO A 119 5.46 -22.73 -0.79
C PRO A 119 5.26 -21.43 0.01
N LEU A 120 4.89 -21.56 1.28
CA LEU A 120 4.82 -20.41 2.20
C LEU A 120 6.14 -19.68 2.17
N PRO A 121 6.12 -18.33 2.15
CA PRO A 121 7.34 -17.56 2.19
C PRO A 121 8.08 -17.88 3.49
N SER A 122 9.39 -17.66 3.50
CA SER A 122 10.27 -17.85 4.67
C SER A 122 9.89 -16.82 5.75
N ASN A 123 9.49 -15.60 5.36
CA ASN A 123 9.20 -14.53 6.34
C ASN A 123 8.20 -13.52 5.76
N GLY A 124 7.89 -12.49 6.54
CA GLY A 124 6.81 -11.53 6.23
C GLY A 124 7.29 -10.33 5.43
N ASP A 125 8.48 -10.36 4.84
CA ASP A 125 9.09 -9.19 4.15
C ASP A 125 8.68 -9.13 2.68
N LEU A 126 7.91 -8.11 2.28
CA LEU A 126 7.33 -7.96 0.93
C LEU A 126 8.19 -7.06 0.07
N THR A 127 9.35 -6.62 0.57
CA THR A 127 10.23 -5.73 -0.23
C THR A 127 10.47 -6.33 -1.61
N PRO A 128 10.64 -7.67 -1.84
CA PRO A 128 10.85 -8.13 -3.21
C PRO A 128 9.79 -7.56 -4.17
N TRP A 129 8.50 -7.60 -3.77
CA TRP A 129 7.39 -7.01 -4.54
C TRP A 129 7.64 -5.51 -4.81
N ALA A 130 8.03 -4.72 -3.80
CA ALA A 130 8.31 -3.26 -3.95
C ALA A 130 9.44 -3.09 -4.96
N GLN A 131 10.40 -4.02 -5.00
CA GLN A 131 11.59 -3.94 -5.89
C GLN A 131 11.26 -4.44 -7.30
N ARG A 132 10.06 -4.99 -7.55
CA ARG A 132 9.68 -5.61 -8.85
C ARG A 132 8.44 -4.92 -9.43
N GLY A 133 8.19 -3.67 -9.06
CA GLY A 133 7.16 -2.79 -9.67
C GLY A 133 5.80 -2.94 -9.02
N VAL A 134 5.71 -3.38 -7.77
CA VAL A 134 4.42 -3.38 -7.01
C VAL A 134 4.45 -2.22 -6.02
N LEU A 135 3.49 -1.27 -6.11
CA LEU A 135 3.40 -0.19 -5.09
C LEU A 135 2.61 -0.78 -3.92
N LEU A 136 3.17 -0.72 -2.71
CA LEU A 136 2.52 -1.28 -1.50
C LEU A 136 1.94 -0.14 -0.66
N LEU A 137 0.72 0.28 -1.04
CA LEU A 137 0.08 1.53 -0.54
C LEU A 137 -1.02 1.17 0.45
N ASN A 138 -1.17 1.99 1.49
CA ASN A 138 -2.34 2.04 2.38
C ASN A 138 -3.10 3.32 2.04
N ARG A 139 -4.44 3.28 2.02
CA ARG A 139 -5.28 4.48 1.74
C ARG A 139 -4.89 5.61 2.70
N VAL A 140 -4.59 5.25 3.96
CA VAL A 140 -4.18 6.18 5.06
C VAL A 140 -2.82 5.71 5.59
N LEU A 141 -1.86 6.63 5.79
CA LEU A 141 -0.44 6.25 5.96
C LEU A 141 0.04 6.24 7.42
N THR A 142 -0.85 6.48 8.38
CA THR A 142 -0.53 6.42 9.82
C THR A 142 -1.73 5.89 10.59
N VAL A 143 -1.45 5.36 11.77
CA VAL A 143 -2.49 4.88 12.72
C VAL A 143 -1.94 5.08 14.14
N ARG A 144 -2.84 5.25 15.09
CA ARG A 144 -2.51 5.29 16.53
C ARG A 144 -2.41 3.83 16.99
N PRO A 145 -1.40 3.45 17.79
CA PRO A 145 -1.27 2.06 18.23
C PRO A 145 -2.56 1.50 18.84
N SER A 146 -2.89 0.27 18.46
CA SER A 146 -4.00 -0.58 18.98
C SER A 146 -5.37 -0.07 18.53
N ASN A 147 -5.43 0.91 17.63
CA ASN A 147 -6.68 1.59 17.20
C ASN A 147 -6.77 1.66 15.69
N PRO A 148 -7.12 0.55 15.02
CA PRO A 148 -7.39 0.60 13.58
C PRO A 148 -8.27 1.78 13.14
N ALA A 149 -7.86 2.41 12.05
CA ALA A 149 -8.62 3.45 11.30
C ALA A 149 -8.70 4.75 12.13
N SER A 150 -7.85 4.91 13.14
CA SER A 150 -7.88 6.06 14.05
C SER A 150 -7.49 7.34 13.31
N HIS A 151 -6.74 7.26 12.22
CA HIS A 151 -6.35 8.45 11.41
C HIS A 151 -7.15 8.53 10.09
N ARG A 152 -8.23 7.76 9.96
CA ARG A 152 -9.15 7.95 8.81
C ARG A 152 -9.68 9.39 8.83
N GLY A 153 -9.68 10.05 7.67
CA GLY A 153 -10.24 11.40 7.47
C GLY A 153 -9.41 12.50 8.10
N LYS A 154 -8.10 12.30 8.34
CA LYS A 154 -7.21 13.33 8.94
C LYS A 154 -6.35 14.03 7.88
N GLY A 155 -6.56 13.74 6.59
CA GLY A 155 -5.84 14.41 5.48
C GLY A 155 -5.01 13.46 4.61
N TRP A 156 -4.76 12.20 4.99
CA TRP A 156 -3.96 11.31 4.11
C TRP A 156 -4.68 11.03 2.80
N GLU A 157 -6.01 10.92 2.81
CA GLU A 157 -6.79 10.44 1.64
C GLU A 157 -6.46 11.28 0.41
N ALA A 158 -6.26 12.60 0.53
CA ALA A 158 -5.92 13.43 -0.66
C ALA A 158 -4.55 13.03 -1.19
N VAL A 159 -3.65 12.60 -0.32
CA VAL A 159 -2.28 12.18 -0.73
C VAL A 159 -2.37 10.89 -1.54
N THR A 160 -3.07 9.88 -1.03
CA THR A 160 -3.16 8.57 -1.74
C THR A 160 -4.03 8.75 -2.99
N GLU A 161 -5.00 9.64 -2.98
CA GLU A 161 -5.77 9.90 -4.22
C GLU A 161 -4.82 10.47 -5.28
N CYS A 162 -4.02 11.45 -4.91
CA CYS A 162 -3.06 12.10 -5.85
C CYS A 162 -2.11 11.03 -6.42
N ALA A 163 -1.67 10.11 -5.58
CA ALA A 163 -0.71 9.07 -6.03
C ALA A 163 -1.35 8.20 -7.11
N ILE A 164 -2.59 7.77 -6.88
CA ILE A 164 -3.31 6.88 -7.85
C ILE A 164 -3.61 7.65 -9.14
N ARG A 165 -4.12 8.88 -9.03
CA ARG A 165 -4.34 9.74 -10.22
C ARG A 165 -3.07 9.89 -11.06
N ALA A 166 -1.93 10.17 -10.43
CA ALA A 166 -0.63 10.33 -11.13
C ALA A 166 -0.25 9.01 -11.84
N LEU A 167 -0.28 7.87 -11.15
CA LEU A 167 0.03 6.57 -11.80
C LEU A 167 -0.88 6.38 -13.03
N ALA A 168 -2.16 6.66 -12.88
CA ALA A 168 -3.20 6.41 -13.92
C ALA A 168 -2.93 7.29 -15.14
N ALA A 169 -2.40 8.49 -14.95
CA ALA A 169 -2.13 9.44 -16.05
C ALA A 169 -0.86 9.06 -16.82
N ARG A 170 -0.01 8.18 -16.28
CA ARG A 170 1.20 7.73 -17.01
C ARG A 170 0.79 7.01 -18.30
N ALA A 171 1.59 7.13 -19.36
CA ALA A 171 1.42 6.39 -20.62
C ALA A 171 1.97 4.97 -20.44
N ALA A 172 1.28 4.17 -19.61
CA ALA A 172 1.72 2.81 -19.23
C ALA A 172 0.52 2.04 -18.69
N PRO A 173 0.50 0.70 -18.81
CA PRO A 173 -0.60 -0.09 -18.27
C PRO A 173 -0.48 -0.05 -16.73
N LEU A 174 -1.61 -0.19 -16.05
CA LEU A 174 -1.61 -0.31 -14.57
C LEU A 174 -2.72 -1.25 -14.13
N VAL A 175 -2.40 -2.15 -13.20
CA VAL A 175 -3.41 -3.00 -12.50
C VAL A 175 -3.42 -2.57 -11.04
N ALA A 176 -4.61 -2.31 -10.49
CA ALA A 176 -4.80 -1.97 -9.07
C ALA A 176 -5.50 -3.14 -8.40
N ILE A 177 -4.95 -3.58 -7.27
CA ILE A 177 -5.58 -4.60 -6.40
C ILE A 177 -6.02 -3.89 -5.14
N LEU A 178 -7.33 -3.81 -4.96
CA LEU A 178 -7.96 -2.93 -3.94
C LEU A 178 -8.60 -3.83 -2.90
N TRP A 179 -7.99 -3.88 -1.71
CA TRP A 179 -8.41 -4.79 -0.61
C TRP A 179 -9.20 -3.98 0.40
N GLY A 180 -10.53 -4.18 0.44
CA GLY A 180 -11.46 -3.64 1.45
C GLY A 180 -12.04 -2.29 1.04
N ARG A 181 -12.89 -1.73 1.89
CA ARG A 181 -13.78 -0.59 1.54
C ARG A 181 -13.00 0.70 1.36
N ASP A 182 -12.02 1.01 2.21
CA ASP A 182 -11.26 2.30 2.06
C ASP A 182 -10.43 2.30 0.77
N ALA A 183 -9.82 1.16 0.44
CA ALA A 183 -9.06 0.93 -0.80
C ALA A 183 -9.99 1.16 -2.00
N SER A 184 -11.23 0.68 -1.91
CA SER A 184 -12.18 0.72 -3.05
C SER A 184 -12.58 2.16 -3.39
N THR A 185 -12.41 3.14 -2.51
CA THR A 185 -12.77 4.56 -2.81
C THR A 185 -11.80 5.16 -3.86
N LEU A 186 -10.75 4.45 -4.25
CA LEU A 186 -9.84 4.90 -5.35
C LEU A 186 -10.36 4.38 -6.70
N LYS A 187 -11.41 3.55 -6.71
CA LYS A 187 -11.91 2.95 -7.99
C LYS A 187 -12.24 4.01 -9.04
N PRO A 188 -12.97 5.09 -8.69
CA PRO A 188 -13.32 6.14 -9.67
C PRO A 188 -12.13 6.75 -10.42
N MET A 189 -10.96 6.83 -9.79
CA MET A 189 -9.75 7.51 -10.35
C MET A 189 -9.05 6.59 -11.35
N LEU A 190 -9.50 5.33 -11.49
CA LEU A 190 -8.92 4.27 -12.37
C LEU A 190 -9.78 4.03 -13.63
N ALA A 191 -10.71 4.91 -13.97
CA ALA A 191 -11.71 4.69 -15.05
C ALA A 191 -11.05 4.62 -16.44
N ALA A 192 -9.87 5.22 -16.63
CA ALA A 192 -9.23 5.34 -17.95
C ALA A 192 -8.89 3.96 -18.52
N GLY A 193 -8.70 3.87 -19.83
CA GLY A 193 -8.57 2.59 -20.56
C GLY A 193 -7.28 1.84 -20.31
N ASN A 194 -6.20 2.50 -19.86
CA ASN A 194 -4.90 1.87 -19.52
C ASN A 194 -4.88 1.29 -18.09
N CYS A 195 -5.97 1.46 -17.35
CA CYS A 195 -6.06 1.01 -15.94
C CYS A 195 -7.19 0.00 -15.80
N VAL A 196 -6.95 -1.05 -15.00
CA VAL A 196 -7.96 -2.07 -14.58
C VAL A 196 -7.79 -2.32 -13.08
N ALA A 197 -8.92 -2.36 -12.37
CA ALA A 197 -8.98 -2.58 -10.92
C ALA A 197 -9.56 -3.96 -10.65
N ILE A 198 -8.89 -4.70 -9.78
CA ILE A 198 -9.35 -5.95 -9.12
C ILE A 198 -9.80 -5.55 -7.71
N GLU A 199 -10.97 -5.98 -7.29
CA GLU A 199 -11.51 -5.62 -5.95
C GLU A 199 -11.95 -6.86 -5.20
N SER A 200 -11.74 -6.86 -3.90
CA SER A 200 -12.18 -7.97 -3.03
C SER A 200 -12.25 -7.44 -1.61
N PRO A 201 -13.03 -8.10 -0.73
CA PRO A 201 -12.96 -7.83 0.69
C PRO A 201 -11.51 -7.97 1.18
N HIS A 202 -11.22 -7.29 2.28
CA HIS A 202 -9.91 -7.19 2.94
C HIS A 202 -9.48 -8.53 3.53
N PRO A 203 -8.17 -8.89 3.51
CA PRO A 203 -7.72 -10.17 4.09
C PRO A 203 -7.79 -10.31 5.60
N SER A 204 -8.14 -9.25 6.29
CA SER A 204 -8.36 -9.29 7.76
C SER A 204 -9.27 -10.46 8.08
N PRO A 205 -9.03 -11.19 9.21
CA PRO A 205 -9.95 -12.25 9.63
C PRO A 205 -11.41 -11.79 9.72
N LEU A 206 -11.69 -10.51 9.90
CA LEU A 206 -13.10 -10.03 10.07
C LEU A 206 -13.85 -10.10 8.74
N SER A 207 -13.13 -10.00 7.61
CA SER A 207 -13.73 -9.81 6.26
C SER A 207 -13.28 -10.90 5.26
N ALA A 208 -12.19 -11.63 5.52
CA ALA A 208 -11.49 -12.47 4.50
C ALA A 208 -12.45 -13.52 3.94
N SER A 209 -13.34 -14.08 4.76
CA SER A 209 -14.25 -15.21 4.38
C SER A 209 -15.39 -14.73 3.50
N ARG A 210 -15.52 -13.41 3.26
N ARG A 210 -15.52 -13.42 3.27
CA ARG A 210 -16.57 -12.79 2.43
CA ARG A 210 -16.58 -12.78 2.43
C ARG A 210 -16.11 -12.62 0.98
C ARG A 210 -16.14 -12.70 0.96
N GLY A 211 -14.92 -13.11 0.62
CA GLY A 211 -14.45 -13.04 -0.77
C GLY A 211 -12.95 -12.85 -0.97
N PHE A 212 -12.15 -12.65 0.07
CA PHE A 212 -10.67 -12.60 -0.10
C PHE A 212 -10.16 -14.00 -0.51
N PHE A 213 -10.49 -15.01 0.30
CA PHE A 213 -10.10 -16.40 0.01
C PHE A 213 -10.72 -16.83 -1.32
N GLY A 214 -9.92 -17.36 -2.25
CA GLY A 214 -10.32 -17.84 -3.59
C GLY A 214 -10.34 -16.77 -4.66
N SER A 215 -9.94 -15.54 -4.33
CA SER A 215 -10.06 -14.38 -5.24
C SER A 215 -8.95 -14.39 -6.31
N ARG A 216 -7.82 -15.06 -6.06
CA ARG A 216 -6.71 -15.28 -7.05
C ARG A 216 -6.16 -13.96 -7.56
N PRO A 217 -5.86 -12.97 -6.67
CA PRO A 217 -5.49 -11.64 -7.12
C PRO A 217 -4.17 -11.61 -7.90
N PHE A 218 -3.27 -12.52 -7.57
CA PHE A 218 -1.87 -12.47 -8.06
C PHE A 218 -1.84 -12.92 -9.52
N SER A 219 -2.48 -14.05 -9.80
CA SER A 219 -2.57 -14.68 -11.15
C SER A 219 -3.46 -13.84 -12.07
N ARG A 220 -4.54 -13.24 -11.55
CA ARG A 220 -5.44 -12.35 -12.33
C ARG A 220 -4.70 -11.06 -12.68
N ALA A 221 -3.94 -10.50 -11.74
CA ALA A 221 -3.13 -9.31 -12.02
C ALA A 221 -2.20 -9.60 -13.21
N ASN A 222 -1.54 -10.76 -13.22
CA ASN A 222 -0.58 -11.12 -14.29
C ASN A 222 -1.30 -11.37 -15.62
N GLU A 223 -2.49 -11.97 -15.60
CA GLU A 223 -3.30 -12.17 -16.84
C GLU A 223 -3.62 -10.78 -17.43
N LEU A 224 -4.03 -9.85 -16.57
CA LEU A 224 -4.43 -8.48 -16.99
C LEU A 224 -3.21 -7.76 -17.58
N LEU A 225 -2.05 -7.88 -16.94
CA LEU A 225 -0.79 -7.26 -17.42
C LEU A 225 -0.43 -7.82 -18.79
N VAL A 226 -0.35 -9.16 -18.91
CA VAL A 226 0.04 -9.86 -20.17
C VAL A 226 -0.89 -9.36 -21.29
N GLY A 227 -2.20 -9.32 -21.05
CA GLY A 227 -3.21 -8.83 -22.01
C GLY A 227 -2.96 -7.41 -22.50
N MET A 228 -2.40 -6.54 -21.64
CA MET A 228 -2.11 -5.11 -21.95
C MET A 228 -0.70 -4.99 -22.55
N GLY A 229 0.04 -6.09 -22.68
CA GLY A 229 1.40 -6.10 -23.26
C GLY A 229 2.47 -5.74 -22.25
N ALA A 230 2.17 -5.77 -20.95
CA ALA A 230 3.12 -5.50 -19.85
C ALA A 230 3.73 -6.83 -19.38
N GLU A 231 4.90 -6.76 -18.74
CA GLU A 231 5.55 -7.94 -18.12
C GLU A 231 4.78 -8.29 -16.85
N PRO A 232 4.50 -9.58 -16.59
CA PRO A 232 3.82 -9.97 -15.36
C PRO A 232 4.74 -9.67 -14.17
N ILE A 233 4.18 -9.58 -12.96
CA ILE A 233 4.96 -9.50 -11.71
C ILE A 233 5.51 -10.91 -11.44
N ASP A 234 6.78 -10.99 -11.03
CA ASP A 234 7.31 -12.22 -10.40
C ASP A 234 6.94 -12.14 -8.93
N TRP A 235 5.88 -12.83 -8.52
CA TRP A 235 5.38 -12.77 -7.12
C TRP A 235 6.21 -13.64 -6.16
N ARG A 236 7.07 -14.53 -6.68
CA ARG A 236 7.74 -15.56 -5.85
C ARG A 236 8.58 -14.88 -4.76
N LEU A 237 8.20 -15.09 -3.51
CA LEU A 237 9.00 -14.72 -2.32
C LEU A 237 9.89 -15.89 -1.93
N PRO A 238 11.12 -15.62 -1.45
CA PRO A 238 12.03 -16.66 -1.00
C PRO A 238 11.52 -17.27 0.31
O1 OD3 B . -3.32 -4.02 9.28
O1 OD3 B . -5.04 -2.50 5.41
C1 OD3 B . -3.18 -3.86 8.09
C1 OD3 B . -4.08 -2.94 5.99
S1 OD3 B . -1.64 -3.66 7.26
S1 OD3 B . -2.41 -2.64 5.54
C2 OD3 B . -2.48 -2.86 5.88
C2 OD3 B . -1.84 -3.34 7.10
C3 OD3 B . -3.97 -3.01 6.11
C3 OD3 B . -3.08 -3.65 7.91
O2 OD3 B . -4.85 -2.51 5.44
O2 OD3 B . -3.13 -3.79 9.13
N1 OD3 B . -4.19 -3.83 7.19
N1 OD3 B . -4.14 -3.76 7.06
C1 EDO C . -4.17 13.51 -14.34
O1 EDO C . -5.34 12.87 -13.82
C2 EDO C . -4.34 14.13 -15.68
O2 EDO C . -3.13 14.44 -16.35
#